data_5AJW
#
_entry.id   5AJW
#
_cell.length_a   102.530
_cell.length_b   102.530
_cell.length_c   260.310
_cell.angle_alpha   90.00
_cell.angle_beta   90.00
_cell.angle_gamma   120.00
#
_symmetry.space_group_name_H-M   'P 65 2 2'
#
loop_
_entity.id
_entity.type
_entity.pdbx_description
1 polymer '6-PHOSPHOFRUCTO-2-KINASE/FRUCTOSE-2,6-BISPHOSPHATASE 3'
2 non-polymer 'PHOSPHONIC ACID'
3 non-polymer 'PHOSPHATE ION'
4 non-polymer 6-O-phosphono-beta-D-fructofuranose
5 non-polymer 2-amino-N-[4-(2-amino-1-benzyl-3-cyano-indol-5-yl)oxyphenyl]acetamide
6 water water
#
_entity_poly.entity_id   1
_entity_poly.type   'polypeptide(L)'
_entity_poly.pdbx_seq_one_letter_code
;MPLELTQSRVQKIWVPVDHRPSLPRSCGPKLTNSPTVIVMVGLPARGKTYISKKLTRYLNWIGVPTKVFNVGEYRREAVK
QYSSYNFFRPDNEEAMKVRKQCALAALRDVKSYLAKEGGQIAVFDATNTTRERRHMILHFAKENDFKAFFIESVCDDPTV
VASNIMEVKISSPDYKDCNSAEAMDDFMKRISCYEASYQPLDPDKCDRDLSLIKVIDVGRRFLVNRVQDHIQSRIVYYLM
NIHVQPRTIYLCRHGENEHNLQGRIGGDSGLSSRGKKFASALSKFVEEQNLKDLRVWTSQLKSTIQTAEALRLPYEQWKA
LNEIDAGVCEELTYEEIRDTYPEEYALREQDKYYYRYPTGESYQDLVQRLEPVIMELERQENVLVICHQAVLRCLLAYFL
DKSAEEMPYLKCPLHTVLKLTPVAYGCRVESIYLNVESVCTHRERSEDAKKGPNPLMRRNSVTPLASPEPTKKPRINSFE
EHVASTSAALPSCLPPEVPTQLPGQNMKGSRSSADSSRKH
;
_entity_poly.pdbx_strand_id   A
#
# COMPACT_ATOMS: atom_id res chain seq x y z
N PRO A 2 21.75 -13.77 -36.71
CA PRO A 2 21.98 -12.96 -35.51
C PRO A 2 20.71 -12.31 -34.95
N LEU A 3 20.81 -11.83 -33.69
CA LEU A 3 19.74 -11.20 -32.91
C LEU A 3 18.53 -12.14 -32.70
N GLU A 4 18.80 -13.45 -32.41
CA GLU A 4 17.77 -14.47 -32.18
C GLU A 4 17.13 -14.32 -30.80
N LEU A 5 15.82 -14.07 -30.80
CA LEU A 5 15.06 -13.89 -29.59
C LEU A 5 13.95 -14.91 -29.48
N THR A 6 13.52 -15.18 -28.25
CA THR A 6 12.38 -16.04 -27.97
C THR A 6 11.44 -15.31 -27.03
N GLN A 7 10.13 -15.54 -27.17
CA GLN A 7 9.16 -14.91 -26.30
C GLN A 7 8.85 -15.80 -25.10
N SER A 8 9.15 -15.33 -23.87
CA SER A 8 8.87 -16.09 -22.63
C SER A 8 7.37 -16.40 -22.54
N ARG A 9 7.03 -17.66 -22.31
CA ARG A 9 5.65 -18.18 -22.30
C ARG A 9 4.69 -17.51 -21.32
N VAL A 10 5.16 -17.18 -20.11
CA VAL A 10 4.28 -16.58 -19.10
C VAL A 10 4.09 -15.07 -19.35
N GLN A 11 5.17 -14.28 -19.17
CA GLN A 11 5.15 -12.83 -19.28
C GLN A 11 5.14 -12.30 -20.73
N LYS A 12 5.43 -13.15 -21.74
CA LYS A 12 5.45 -12.76 -23.16
C LYS A 12 6.58 -11.74 -23.46
N ILE A 13 7.71 -11.82 -22.72
CA ILE A 13 8.88 -10.94 -22.86
C ILE A 13 9.87 -11.53 -23.86
N TRP A 14 10.31 -10.71 -24.85
CA TRP A 14 11.30 -11.16 -25.83
C TRP A 14 12.66 -11.15 -25.19
N VAL A 15 13.29 -12.32 -25.13
CA VAL A 15 14.61 -12.49 -24.50
C VAL A 15 15.58 -13.12 -25.51
N PRO A 16 16.90 -12.86 -25.41
CA PRO A 16 17.83 -13.53 -26.33
C PRO A 16 17.76 -15.04 -26.13
N VAL A 17 17.70 -15.82 -27.23
CA VAL A 17 17.67 -17.28 -27.19
C VAL A 17 18.90 -17.69 -26.37
N ASP A 18 18.69 -18.37 -25.24
CA ASP A 18 19.82 -18.70 -24.40
C ASP A 18 20.25 -20.15 -24.58
N HIS A 19 21.22 -20.31 -25.48
CA HIS A 19 21.85 -21.56 -25.81
C HIS A 19 23.02 -21.61 -24.87
N ARG A 20 22.75 -22.04 -23.65
CA ARG A 20 23.73 -22.15 -22.60
C ARG A 20 24.85 -23.10 -23.05
N PRO A 21 26.12 -22.79 -22.71
CA PRO A 21 27.21 -23.72 -23.09
C PRO A 21 27.14 -25.01 -22.28
N SER A 22 28.05 -25.96 -22.55
CA SER A 22 28.14 -27.28 -21.90
C SER A 22 27.99 -27.20 -20.39
N LEU A 23 28.63 -26.18 -19.76
CA LEU A 23 28.61 -25.90 -18.32
C LEU A 23 27.85 -24.57 -18.12
N PRO A 24 26.50 -24.61 -17.97
CA PRO A 24 25.73 -23.36 -17.77
C PRO A 24 26.13 -22.60 -16.52
N ARG A 25 26.40 -21.29 -16.66
CA ARG A 25 26.82 -20.39 -15.58
C ARG A 25 25.76 -19.33 -15.31
N SER A 26 25.50 -19.08 -14.01
CA SER A 26 24.54 -18.06 -13.57
C SER A 26 25.22 -16.69 -13.38
N ASN A 33 19.75 -1.84 -8.74
CA ASN A 33 20.53 -0.78 -8.10
C ASN A 33 20.48 -0.81 -6.56
N SER A 34 21.44 -0.11 -5.90
CA SER A 34 21.64 -0.04 -4.45
C SER A 34 20.35 0.02 -3.59
N PRO A 35 20.25 -0.86 -2.54
CA PRO A 35 19.06 -0.82 -1.67
C PRO A 35 19.02 0.45 -0.82
N THR A 36 17.84 0.78 -0.28
CA THR A 36 17.68 1.97 0.54
C THR A 36 17.20 1.67 1.95
N VAL A 37 17.82 2.36 2.91
CA VAL A 37 17.38 2.36 4.29
C VAL A 37 16.64 3.69 4.47
N ILE A 38 15.34 3.60 4.70
CA ILE A 38 14.50 4.76 5.02
C ILE A 38 14.57 4.91 6.55
N VAL A 39 15.09 6.04 7.03
CA VAL A 39 15.23 6.31 8.46
C VAL A 39 14.11 7.21 8.98
N MET A 40 13.24 6.68 9.85
CA MET A 40 12.19 7.49 10.45
C MET A 40 12.80 8.34 11.56
N VAL A 41 12.42 9.62 11.66
CA VAL A 41 12.97 10.55 12.65
C VAL A 41 11.84 11.32 13.34
N GLY A 42 11.92 11.44 14.66
CA GLY A 42 10.94 12.20 15.43
C GLY A 42 10.58 11.65 16.80
N LEU A 43 9.96 12.52 17.60
CA LEU A 43 9.47 12.20 18.94
C LEU A 43 8.35 11.14 18.87
N PRO A 44 8.03 10.40 19.96
CA PRO A 44 6.90 9.47 19.89
C PRO A 44 5.58 10.21 19.63
N ALA A 45 4.55 9.48 19.12
CA ALA A 45 3.22 9.98 18.76
C ALA A 45 3.26 11.06 17.65
N ARG A 46 4.19 10.89 16.70
CA ARG A 46 4.37 11.80 15.56
C ARG A 46 4.00 11.13 14.22
N GLY A 47 3.32 10.00 14.29
CA GLY A 47 2.87 9.27 13.11
C GLY A 47 3.96 8.58 12.29
N LYS A 48 5.15 8.31 12.90
CA LYS A 48 6.24 7.61 12.22
C LYS A 48 5.85 6.19 11.78
N THR A 49 5.14 5.44 12.65
CA THR A 49 4.66 4.08 12.36
C THR A 49 3.54 4.14 11.32
N TYR A 50 2.70 5.19 11.37
CA TYR A 50 1.64 5.41 10.40
C TYR A 50 2.30 5.61 9.00
N ILE A 51 3.32 6.49 8.92
CA ILE A 51 4.07 6.77 7.68
C ILE A 51 4.76 5.49 7.17
N SER A 52 5.49 4.80 8.06
CA SER A 52 6.21 3.55 7.78
C SER A 52 5.32 2.52 7.12
N LYS A 53 4.16 2.24 7.74
CA LYS A 53 3.20 1.23 7.30
C LYS A 53 2.56 1.57 5.97
N LYS A 54 2.07 2.83 5.82
CA LYS A 54 1.42 3.30 4.60
C LYS A 54 2.35 3.30 3.38
N LEU A 55 3.57 3.85 3.56
CA LEU A 55 4.60 3.91 2.54
C LEU A 55 5.06 2.50 2.09
N THR A 56 5.20 1.55 3.05
CA THR A 56 5.59 0.16 2.82
C THR A 56 4.51 -0.55 1.98
N ARG A 57 3.24 -0.28 2.31
CA ARG A 57 2.06 -0.82 1.64
C ARG A 57 2.02 -0.38 0.15
N TYR A 58 2.31 0.90 -0.09
CA TYR A 58 2.36 1.49 -1.42
C TYR A 58 3.54 0.93 -2.23
N LEU A 59 4.76 0.93 -1.63
CA LEU A 59 5.98 0.45 -2.28
C LEU A 59 5.90 -1.03 -2.66
N ASN A 60 5.35 -1.86 -1.76
CA ASN A 60 5.18 -3.28 -2.07
C ASN A 60 4.20 -3.51 -3.23
N TRP A 61 3.07 -2.78 -3.23
CA TRP A 61 2.03 -2.86 -4.25
C TRP A 61 2.55 -2.47 -5.65
N ILE A 62 3.41 -1.44 -5.74
CA ILE A 62 4.01 -1.00 -7.01
C ILE A 62 5.16 -1.93 -7.44
N GLY A 63 5.52 -2.90 -6.59
CA GLY A 63 6.54 -3.91 -6.88
C GLY A 63 7.92 -3.66 -6.34
N VAL A 64 8.08 -2.80 -5.34
CA VAL A 64 9.38 -2.54 -4.72
C VAL A 64 9.37 -3.32 -3.37
N PRO A 65 10.08 -4.48 -3.23
CA PRO A 65 10.02 -5.21 -1.95
C PRO A 65 10.48 -4.35 -0.78
N THR A 66 9.55 -4.10 0.15
CA THR A 66 9.75 -3.21 1.30
C THR A 66 9.34 -3.87 2.62
N LYS A 67 10.11 -3.60 3.67
CA LYS A 67 9.81 -4.12 4.99
C LYS A 67 10.11 -3.08 6.05
N VAL A 68 9.23 -3.03 7.08
CA VAL A 68 9.39 -2.17 8.27
C VAL A 68 10.13 -2.97 9.38
N PHE A 69 11.12 -2.31 10.01
CA PHE A 69 11.88 -2.82 11.14
C PHE A 69 11.61 -1.84 12.28
N ASN A 70 10.64 -2.17 13.14
CA ASN A 70 10.23 -1.34 14.28
C ASN A 70 11.01 -1.78 15.52
N VAL A 71 11.87 -0.89 16.04
CA VAL A 71 12.75 -1.13 17.19
C VAL A 71 11.95 -1.48 18.49
N GLY A 72 10.75 -0.89 18.63
CA GLY A 72 9.85 -1.15 19.75
C GLY A 72 9.38 -2.60 19.85
N GLU A 73 9.24 -3.27 18.68
CA GLU A 73 8.81 -4.67 18.58
C GLU A 73 9.91 -5.62 19.00
N TYR A 74 11.18 -5.22 18.74
CA TYR A 74 12.39 -5.94 19.14
C TYR A 74 12.55 -5.83 20.64
N ARG A 75 12.14 -4.68 21.21
CA ARG A 75 12.15 -4.37 22.62
C ARG A 75 11.07 -5.18 23.36
N ARG A 76 9.84 -5.25 22.82
CA ARG A 76 8.73 -6.02 23.41
C ARG A 76 9.06 -7.53 23.48
N GLU A 77 9.93 -7.98 22.55
CA GLU A 77 10.40 -9.33 22.40
C GLU A 77 11.52 -9.62 23.41
N ALA A 78 12.47 -8.67 23.57
CA ALA A 78 13.61 -8.81 24.49
C ALA A 78 13.22 -8.59 25.95
N VAL A 79 12.30 -7.64 26.21
CA VAL A 79 11.77 -7.28 27.52
C VAL A 79 10.30 -7.69 27.54
N LYS A 80 10.05 -8.83 28.19
CA LYS A 80 8.78 -9.52 28.32
C LYS A 80 7.57 -8.60 28.58
N GLN A 81 7.44 -8.05 29.81
CA GLN A 81 6.34 -7.17 30.18
C GLN A 81 6.80 -5.72 30.36
N TYR A 82 6.01 -4.77 29.84
CA TYR A 82 6.26 -3.32 29.96
C TYR A 82 5.59 -2.80 31.21
N SER A 83 6.32 -2.07 32.05
CA SER A 83 5.72 -1.54 33.27
C SER A 83 5.38 -0.04 33.19
N SER A 84 6.37 0.83 32.81
CA SER A 84 6.20 2.28 32.75
C SER A 84 7.25 3.03 31.95
N TYR A 85 7.09 4.39 31.85
CA TYR A 85 7.98 5.37 31.21
C TYR A 85 9.40 5.33 31.81
N ASN A 86 9.54 4.78 33.05
CA ASN A 86 10.79 4.61 33.78
C ASN A 86 11.81 3.81 32.95
N PHE A 87 11.31 2.93 32.04
CA PHE A 87 12.14 2.11 31.13
C PHE A 87 12.83 3.03 30.12
N PHE A 88 12.16 4.13 29.78
CA PHE A 88 12.66 5.09 28.80
C PHE A 88 13.48 6.25 29.40
N ARG A 89 13.68 6.27 30.72
CA ARG A 89 14.45 7.32 31.38
C ARG A 89 15.88 7.39 30.85
N PRO A 90 16.42 8.61 30.60
CA PRO A 90 17.82 8.72 30.15
C PRO A 90 18.84 8.21 31.19
N ASP A 91 18.47 8.18 32.48
CA ASP A 91 19.33 7.68 33.56
C ASP A 91 19.21 6.17 33.79
N ASN A 92 18.33 5.49 33.03
CA ASN A 92 18.13 4.04 33.09
C ASN A 92 19.24 3.34 32.29
N GLU A 93 20.43 3.21 32.89
CA GLU A 93 21.61 2.60 32.30
C GLU A 93 21.35 1.25 31.60
N GLU A 94 20.68 0.31 32.32
CA GLU A 94 20.35 -1.04 31.83
C GLU A 94 19.41 -1.03 30.63
N ALA A 95 18.28 -0.31 30.73
CA ALA A 95 17.32 -0.22 29.62
C ALA A 95 17.92 0.49 28.41
N MET A 96 18.82 1.48 28.62
CA MET A 96 19.50 2.20 27.54
C MET A 96 20.40 1.25 26.73
N LYS A 97 21.03 0.28 27.42
CA LYS A 97 21.88 -0.74 26.81
C LYS A 97 21.00 -1.70 26.00
N VAL A 98 19.88 -2.14 26.60
CA VAL A 98 18.88 -3.02 25.98
C VAL A 98 18.30 -2.39 24.71
N ARG A 99 17.90 -1.11 24.79
CA ARG A 99 17.33 -0.35 23.68
C ARG A 99 18.33 -0.24 22.51
N LYS A 100 19.61 0.00 22.82
CA LYS A 100 20.69 0.06 21.81
C LYS A 100 20.85 -1.30 21.12
N GLN A 101 20.89 -2.41 21.92
CA GLN A 101 20.99 -3.79 21.45
C GLN A 101 19.85 -4.13 20.49
N CYS A 102 18.62 -3.69 20.83
CA CYS A 102 17.41 -3.86 20.01
C CYS A 102 17.51 -3.15 18.68
N ALA A 103 18.06 -1.92 18.68
CA ALA A 103 18.26 -1.12 17.47
C ALA A 103 19.31 -1.80 16.59
N LEU A 104 20.42 -2.28 17.19
CA LEU A 104 21.49 -3.00 16.49
C LEU A 104 21.00 -4.33 15.91
N ALA A 105 20.12 -5.04 16.65
CA ALA A 105 19.52 -6.30 16.21
C ALA A 105 18.58 -6.04 15.02
N ALA A 106 17.83 -4.90 15.04
CA ALA A 106 16.97 -4.49 13.93
C ALA A 106 17.82 -4.17 12.69
N LEU A 107 18.96 -3.46 12.86
CA LEU A 107 19.88 -3.13 11.77
C LEU A 107 20.50 -4.40 11.17
N ARG A 108 20.80 -5.41 12.02
N ARG A 108 20.81 -5.40 12.01
CA ARG A 108 21.35 -6.71 11.63
CA ARG A 108 21.35 -6.71 11.61
C ARG A 108 20.35 -7.39 10.68
C ARG A 108 20.34 -7.39 10.66
N ASP A 109 19.04 -7.29 11.00
CA ASP A 109 17.95 -7.82 10.19
C ASP A 109 17.72 -6.97 8.93
N VAL A 110 18.07 -5.67 8.97
CA VAL A 110 18.01 -4.75 7.83
C VAL A 110 19.06 -5.21 6.79
N LYS A 111 20.29 -5.50 7.25
CA LYS A 111 21.42 -5.97 6.42
C LYS A 111 21.06 -7.29 5.73
N SER A 112 20.52 -8.25 6.51
CA SER A 112 20.09 -9.55 6.01
C SER A 112 18.95 -9.41 4.98
N TYR A 113 18.00 -8.50 5.22
CA TYR A 113 16.88 -8.28 4.32
C TYR A 113 17.32 -7.71 2.96
N LEU A 114 18.13 -6.66 2.98
CA LEU A 114 18.62 -5.96 1.79
C LEU A 114 19.74 -6.66 1.01
N ALA A 115 20.68 -7.29 1.73
CA ALA A 115 21.81 -7.96 1.09
C ALA A 115 21.61 -9.43 0.80
N LYS A 116 20.69 -10.11 1.51
CA LYS A 116 20.52 -11.55 1.35
C LYS A 116 19.10 -12.02 1.02
N GLU A 117 18.08 -11.17 1.15
CA GLU A 117 16.71 -11.65 0.91
C GLU A 117 16.00 -11.03 -0.29
N GLY A 118 16.70 -10.22 -1.05
CA GLY A 118 16.09 -9.58 -2.22
C GLY A 118 15.19 -8.40 -1.90
N GLY A 119 15.32 -7.85 -0.69
CA GLY A 119 14.58 -6.67 -0.29
C GLY A 119 15.20 -5.45 -0.91
N GLN A 120 14.39 -4.47 -1.29
CA GLN A 120 14.93 -3.26 -1.91
C GLN A 120 14.92 -2.08 -0.95
N ILE A 121 13.89 -1.98 -0.10
CA ILE A 121 13.75 -0.88 0.86
C ILE A 121 13.51 -1.42 2.26
N ALA A 122 14.26 -0.91 3.24
CA ALA A 122 14.08 -1.25 4.64
C ALA A 122 13.69 0.03 5.35
N VAL A 123 12.52 0.04 5.98
CA VAL A 123 12.08 1.22 6.72
C VAL A 123 12.45 0.99 8.19
N PHE A 124 13.44 1.76 8.67
CA PHE A 124 13.94 1.73 10.04
C PHE A 124 13.08 2.66 10.90
N ASP A 125 12.05 2.05 11.52
CA ASP A 125 11.05 2.73 12.33
C ASP A 125 11.43 2.82 13.81
N ALA A 126 12.04 3.94 14.16
CA ALA A 126 12.46 4.28 15.51
C ALA A 126 12.45 5.81 15.63
N THR A 127 12.74 6.31 16.84
CA THR A 127 12.79 7.75 17.12
C THR A 127 13.95 8.40 16.38
N ASN A 128 15.17 7.78 16.43
CA ASN A 128 16.38 8.25 15.75
C ASN A 128 16.52 9.79 15.88
N THR A 129 16.23 10.28 17.09
CA THR A 129 16.15 11.67 17.52
C THR A 129 17.51 12.35 17.76
N THR A 130 18.56 11.54 17.98
CA THR A 130 19.90 12.09 18.24
C THR A 130 20.76 11.96 17.00
N ARG A 131 21.69 12.93 16.82
CA ARG A 131 22.65 12.93 15.72
C ARG A 131 23.55 11.69 15.82
N GLU A 132 23.92 11.29 17.06
CA GLU A 132 24.73 10.11 17.37
C GLU A 132 24.09 8.85 16.78
N ARG A 133 22.80 8.59 17.07
CA ARG A 133 22.08 7.43 16.52
C ARG A 133 22.06 7.48 14.99
N ARG A 134 21.79 8.64 14.41
CA ARG A 134 21.73 8.82 12.96
C ARG A 134 23.09 8.66 12.29
N HIS A 135 24.18 9.07 12.97
CA HIS A 135 25.54 8.92 12.46
C HIS A 135 25.92 7.45 12.38
N MET A 136 25.45 6.69 13.38
CA MET A 136 25.64 5.25 13.49
C MET A 136 24.86 4.54 12.36
N ILE A 137 23.62 5.00 12.06
CA ILE A 137 22.81 4.42 10.97
C ILE A 137 23.47 4.70 9.60
N LEU A 138 24.01 5.92 9.44
CA LEU A 138 24.73 6.35 8.24
C LEU A 138 25.98 5.48 8.04
N HIS A 139 26.76 5.24 9.13
CA HIS A 139 27.96 4.40 9.09
C HIS A 139 27.58 3.00 8.60
N PHE A 140 26.51 2.42 9.20
CA PHE A 140 25.94 1.13 8.83
C PHE A 140 25.55 1.09 7.33
N ALA A 141 24.93 2.18 6.82
CA ALA A 141 24.51 2.28 5.42
C ALA A 141 25.74 2.36 4.49
N LYS A 142 26.70 3.27 4.78
CA LYS A 142 27.92 3.42 3.97
C LYS A 142 28.74 2.12 3.90
N GLU A 143 28.96 1.44 5.04
CA GLU A 143 29.73 0.18 5.07
C GLU A 143 29.04 -0.98 4.29
N ASN A 144 27.70 -0.96 4.17
CA ASN A 144 26.93 -1.99 3.47
C ASN A 144 26.49 -1.59 2.06
N ASP A 145 26.94 -0.41 1.60
CA ASP A 145 26.61 0.20 0.29
C ASP A 145 25.09 0.41 0.11
N PHE A 146 24.43 0.83 1.20
CA PHE A 146 23.00 1.12 1.19
C PHE A 146 22.83 2.61 1.16
N LYS A 147 21.80 3.08 0.46
CA LYS A 147 21.46 4.48 0.44
C LYS A 147 20.69 4.77 1.72
N ALA A 148 20.77 6.01 2.20
CA ALA A 148 20.01 6.45 3.38
C ALA A 148 19.11 7.62 2.97
N PHE A 149 17.81 7.52 3.31
CA PHE A 149 16.81 8.57 3.08
C PHE A 149 16.07 8.78 4.38
N PHE A 150 16.09 10.02 4.91
CA PHE A 150 15.46 10.34 6.18
C PHE A 150 14.09 10.95 6.03
N ILE A 151 13.14 10.48 6.85
CA ILE A 151 11.78 11.01 6.88
C ILE A 151 11.51 11.44 8.31
N GLU A 152 11.48 12.75 8.54
CA GLU A 152 11.22 13.30 9.86
C GLU A 152 9.82 13.87 9.95
N SER A 153 9.11 13.55 11.05
CA SER A 153 7.79 14.09 11.31
C SER A 153 7.89 15.04 12.51
N VAL A 154 7.65 16.34 12.26
CA VAL A 154 7.73 17.43 13.25
C VAL A 154 6.33 17.99 13.51
N CYS A 155 5.87 17.98 14.78
CA CYS A 155 4.57 18.54 15.18
C CYS A 155 4.57 18.95 16.64
N ASP A 156 4.15 20.20 16.88
CA ASP A 156 4.08 20.80 18.22
C ASP A 156 2.64 20.91 18.75
N ASP A 157 1.63 20.55 17.93
CA ASP A 157 0.21 20.60 18.31
C ASP A 157 -0.17 19.56 19.39
N PRO A 158 -0.55 20.00 20.62
CA PRO A 158 -0.90 19.03 21.67
C PRO A 158 -2.18 18.22 21.41
N THR A 159 -3.09 18.76 20.57
CA THR A 159 -4.34 18.12 20.16
C THR A 159 -4.04 16.89 19.30
N VAL A 160 -3.09 17.05 18.34
CA VAL A 160 -2.63 15.99 17.43
C VAL A 160 -1.96 14.87 18.23
N VAL A 161 -1.07 15.23 19.17
CA VAL A 161 -0.33 14.30 20.05
C VAL A 161 -1.32 13.48 20.90
N ALA A 162 -2.26 14.18 21.59
CA ALA A 162 -3.28 13.55 22.44
C ALA A 162 -4.18 12.60 21.65
N SER A 163 -4.57 13.00 20.43
CA SER A 163 -5.42 12.23 19.52
C SER A 163 -4.73 10.91 19.09
N ASN A 164 -3.43 10.98 18.77
CA ASN A 164 -2.60 9.82 18.40
C ASN A 164 -2.49 8.84 19.57
N ILE A 165 -2.31 9.36 20.81
CA ILE A 165 -2.22 8.53 22.02
C ILE A 165 -3.54 7.78 22.24
N MET A 166 -4.67 8.50 22.11
CA MET A 166 -6.03 7.97 22.25
C MET A 166 -6.41 6.97 21.16
N GLU A 167 -6.01 7.23 19.90
CA GLU A 167 -6.34 6.37 18.76
C GLU A 167 -5.54 5.08 18.68
N VAL A 168 -4.20 5.13 18.82
CA VAL A 168 -3.41 3.92 18.61
C VAL A 168 -2.38 3.61 19.75
N LYS A 169 -2.08 4.58 20.64
CA LYS A 169 -1.09 4.29 21.70
C LYS A 169 -1.67 3.58 22.91
N ILE A 170 -2.80 4.04 23.46
CA ILE A 170 -3.44 3.44 24.65
C ILE A 170 -3.81 1.95 24.41
N SER A 171 -4.09 1.59 23.14
CA SER A 171 -4.46 0.24 22.69
C SER A 171 -3.23 -0.63 22.37
N SER A 172 -2.01 -0.10 22.59
CA SER A 172 -0.72 -0.78 22.36
C SER A 172 -0.55 -1.98 23.32
N PRO A 173 0.14 -3.09 22.92
CA PRO A 173 0.32 -4.23 23.85
C PRO A 173 1.03 -3.87 25.17
N ASP A 174 1.74 -2.72 25.19
CA ASP A 174 2.45 -2.16 26.34
C ASP A 174 1.46 -1.72 27.44
N TYR A 175 0.25 -1.29 27.04
CA TYR A 175 -0.77 -0.75 27.95
C TYR A 175 -2.00 -1.68 28.15
N LYS A 176 -1.80 -3.01 28.00
CA LYS A 176 -2.82 -4.04 28.15
C LYS A 176 -3.51 -4.04 29.52
N ASP A 177 -2.72 -3.93 30.59
CA ASP A 177 -3.20 -3.94 31.98
C ASP A 177 -3.58 -2.53 32.49
N CYS A 178 -3.43 -1.49 31.65
CA CYS A 178 -3.71 -0.10 32.01
C CYS A 178 -5.06 0.42 31.50
N ASN A 179 -5.66 1.40 32.20
CA ASN A 179 -6.88 2.06 31.73
C ASN A 179 -6.44 3.30 30.93
N SER A 180 -7.33 3.83 30.09
CA SER A 180 -7.06 4.97 29.19
C SER A 180 -6.31 6.16 29.83
N ALA A 181 -6.67 6.54 31.06
CA ALA A 181 -6.05 7.66 31.79
C ALA A 181 -4.59 7.40 32.23
N GLU A 182 -4.30 6.17 32.73
CA GLU A 182 -2.99 5.69 33.17
C GLU A 182 -2.02 5.69 31.98
N ALA A 183 -2.44 5.02 30.88
CA ALA A 183 -1.72 4.86 29.63
C ALA A 183 -1.38 6.20 28.99
N MET A 184 -2.35 7.17 28.97
CA MET A 184 -2.15 8.51 28.42
C MET A 184 -1.09 9.27 29.24
N ASP A 185 -1.20 9.22 30.58
CA ASP A 185 -0.28 9.88 31.50
C ASP A 185 1.15 9.29 31.37
N ASP A 186 1.28 7.96 31.32
CA ASP A 186 2.55 7.25 31.15
C ASP A 186 3.20 7.61 29.82
N PHE A 187 2.39 7.68 28.74
CA PHE A 187 2.88 8.01 27.40
C PHE A 187 3.40 9.44 27.31
N MET A 188 2.75 10.40 28.00
CA MET A 188 3.20 11.80 28.00
C MET A 188 4.58 11.91 28.65
N LYS A 189 4.78 11.17 29.76
CA LYS A 189 6.04 11.10 30.51
C LYS A 189 7.11 10.43 29.64
N ARG A 190 6.72 9.38 28.89
CA ARG A 190 7.55 8.63 27.96
C ARG A 190 8.09 9.57 26.84
N ILE A 191 7.22 10.45 26.27
CA ILE A 191 7.58 11.45 25.24
C ILE A 191 8.63 12.42 25.82
N SER A 192 8.39 12.89 27.07
CA SER A 192 9.28 13.82 27.78
C SER A 192 10.71 13.28 27.96
N CYS A 193 10.88 11.94 28.08
CA CYS A 193 12.18 11.25 28.21
C CYS A 193 13.07 11.49 26.98
N TYR A 194 12.44 11.72 25.80
CA TYR A 194 13.10 11.95 24.50
C TYR A 194 13.35 13.42 24.15
N GLU A 195 12.62 14.35 24.77
CA GLU A 195 12.66 15.78 24.42
C GLU A 195 14.02 16.47 24.64
N ALA A 196 14.72 16.15 25.74
CA ALA A 196 16.03 16.75 26.06
C ALA A 196 17.13 16.44 25.04
N SER A 197 17.25 15.17 24.61
CA SER A 197 18.29 14.77 23.66
C SER A 197 17.89 14.90 22.18
N TYR A 198 16.62 15.26 21.89
CA TYR A 198 16.12 15.43 20.53
C TYR A 198 16.80 16.58 19.78
N GLN A 199 17.47 16.20 18.67
CA GLN A 199 18.15 17.09 17.74
C GLN A 199 17.44 16.94 16.40
N PRO A 200 16.52 17.87 16.04
CA PRO A 200 15.82 17.76 14.74
C PRO A 200 16.79 17.76 13.56
N LEU A 201 16.34 17.31 12.37
CA LEU A 201 17.21 17.34 11.19
C LEU A 201 17.48 18.79 10.83
N ASP A 202 18.73 19.10 10.52
CA ASP A 202 19.13 20.45 10.14
C ASP A 202 19.67 20.47 8.71
N PRO A 203 18.83 20.51 7.66
CA PRO A 203 19.37 20.52 6.29
C PRO A 203 20.17 21.79 5.93
N ASP A 204 20.05 22.84 6.75
CA ASP A 204 20.72 24.13 6.55
C ASP A 204 22.21 24.02 6.81
N LYS A 205 22.61 23.43 7.95
CA LYS A 205 24.02 23.32 8.27
C LYS A 205 24.49 21.87 8.44
N CYS A 206 24.09 21.20 9.54
CA CYS A 206 24.54 19.86 9.92
C CYS A 206 24.16 18.72 8.96
N ASP A 207 22.88 18.64 8.56
CA ASP A 207 22.39 17.57 7.70
C ASP A 207 22.26 17.98 6.23
N ARG A 208 23.07 18.98 5.79
CA ARG A 208 23.07 19.52 4.43
C ARG A 208 23.28 18.48 3.33
N ASP A 209 24.13 17.48 3.57
CA ASP A 209 24.43 16.44 2.59
C ASP A 209 23.50 15.22 2.68
N LEU A 210 22.59 15.20 3.66
CA LEU A 210 21.64 14.09 3.80
C LEU A 210 20.44 14.25 2.90
N SER A 211 19.92 13.13 2.40
CA SER A 211 18.71 13.04 1.58
C SER A 211 17.58 12.92 2.55
N LEU A 212 16.71 13.92 2.60
CA LEU A 212 15.67 13.94 3.59
C LEU A 212 14.41 14.65 3.19
N ILE A 213 13.34 14.35 3.92
CA ILE A 213 12.06 15.01 3.90
C ILE A 213 11.65 15.27 5.34
N LYS A 214 11.28 16.52 5.62
CA LYS A 214 10.75 16.96 6.89
C LYS A 214 9.27 17.20 6.63
N VAL A 215 8.40 16.39 7.27
CA VAL A 215 6.95 16.48 7.21
C VAL A 215 6.64 17.35 8.44
N ILE A 216 6.19 18.59 8.19
CA ILE A 216 5.90 19.55 9.24
C ILE A 216 4.39 19.74 9.39
N ASP A 217 3.90 19.72 10.65
CA ASP A 217 2.50 19.95 11.06
C ASP A 217 1.50 19.07 10.32
N VAL A 218 1.73 17.76 10.37
CA VAL A 218 0.90 16.71 9.75
C VAL A 218 0.70 16.98 8.21
N GLY A 219 1.80 17.25 7.51
CA GLY A 219 1.82 17.45 6.06
C GLY A 219 1.35 18.79 5.52
N ARG A 220 1.34 19.82 6.35
CA ARG A 220 0.96 21.17 5.97
C ARG A 220 2.13 21.80 5.17
N ARG A 221 3.36 21.43 5.53
CA ARG A 221 4.60 21.97 4.97
C ARG A 221 5.65 20.86 4.87
N PHE A 222 6.57 20.98 3.89
CA PHE A 222 7.63 20.00 3.69
C PHE A 222 8.96 20.66 3.37
N LEU A 223 10.03 20.11 3.95
CA LEU A 223 11.39 20.53 3.65
C LEU A 223 12.01 19.30 2.98
N VAL A 224 12.39 19.46 1.71
CA VAL A 224 12.94 18.39 0.90
C VAL A 224 14.39 18.71 0.57
N ASN A 225 15.30 17.81 0.97
CA ASN A 225 16.71 18.05 0.73
C ASN A 225 17.38 16.89 0.02
N ARG A 226 18.10 17.22 -1.07
CA ARG A 226 18.91 16.33 -1.89
C ARG A 226 18.24 15.02 -2.28
N VAL A 227 17.13 15.07 -3.03
CA VAL A 227 16.48 13.85 -3.53
C VAL A 227 17.39 13.29 -4.63
N GLN A 228 18.04 12.16 -4.33
CA GLN A 228 19.03 11.50 -5.18
C GLN A 228 18.45 10.74 -6.36
N ASP A 229 17.34 10.01 -6.16
CA ASP A 229 16.86 9.10 -7.18
C ASP A 229 15.34 9.06 -7.37
N HIS A 230 14.91 8.11 -8.23
CA HIS A 230 13.53 7.83 -8.64
C HIS A 230 12.63 7.45 -7.47
N ILE A 231 13.08 6.50 -6.62
CA ILE A 231 12.27 6.02 -5.51
C ILE A 231 12.03 7.10 -4.43
N GLN A 232 13.04 7.91 -4.12
CA GLN A 232 12.93 9.01 -3.15
C GLN A 232 11.98 10.07 -3.66
N SER A 233 12.06 10.36 -4.97
CA SER A 233 11.20 11.34 -5.64
C SER A 233 9.74 10.90 -5.60
N ARG A 234 9.50 9.57 -5.80
CA ARG A 234 8.18 8.93 -5.74
C ARG A 234 7.59 9.02 -4.32
N ILE A 235 8.41 8.73 -3.28
CA ILE A 235 8.04 8.78 -1.85
C ILE A 235 7.59 10.20 -1.51
N VAL A 236 8.38 11.20 -1.92
CA VAL A 236 8.08 12.61 -1.68
C VAL A 236 6.73 12.99 -2.32
N TYR A 237 6.52 12.59 -3.58
CA TYR A 237 5.26 12.82 -4.30
C TYR A 237 4.08 12.14 -3.58
N TYR A 238 4.27 10.90 -3.12
CA TYR A 238 3.26 10.13 -2.38
C TYR A 238 2.86 10.86 -1.08
N LEU A 239 3.85 11.26 -0.25
CA LEU A 239 3.66 11.97 1.03
C LEU A 239 2.94 13.28 0.84
N MET A 240 3.14 13.92 -0.31
CA MET A 240 2.48 15.16 -0.66
C MET A 240 1.06 14.98 -1.17
N ASN A 241 0.66 13.74 -1.52
CA ASN A 241 -0.67 13.43 -2.04
C ASN A 241 -1.60 12.80 -1.03
N ILE A 242 -1.05 12.08 -0.06
CA ILE A 242 -1.84 11.48 1.02
C ILE A 242 -2.28 12.58 1.96
N HIS A 243 -3.29 12.31 2.80
CA HIS A 243 -3.78 13.24 3.82
C HIS A 243 -4.36 12.39 4.95
N VAL A 244 -4.64 13.02 6.10
CA VAL A 244 -5.19 12.30 7.26
C VAL A 244 -6.65 12.74 7.57
N GLN A 245 -7.30 13.41 6.60
CA GLN A 245 -8.68 13.86 6.72
C GLN A 245 -9.65 12.67 6.69
N PRO A 246 -10.74 12.68 7.48
CA PRO A 246 -11.66 11.53 7.46
C PRO A 246 -12.44 11.45 6.14
N ARG A 247 -12.63 10.22 5.60
CA ARG A 247 -13.33 10.01 4.31
C ARG A 247 -13.72 8.53 4.10
N THR A 248 -14.47 8.25 3.03
CA THR A 248 -14.86 6.88 2.71
C THR A 248 -14.60 6.57 1.24
N ILE A 249 -14.10 5.37 0.97
CA ILE A 249 -13.87 4.90 -0.38
C ILE A 249 -14.83 3.75 -0.64
N TYR A 250 -15.70 3.89 -1.63
CA TYR A 250 -16.62 2.85 -2.02
C TYR A 250 -16.11 2.28 -3.33
N LEU A 251 -15.98 0.96 -3.39
CA LEU A 251 -15.51 0.27 -4.58
C LEU A 251 -16.56 -0.77 -4.95
N CYS A 252 -16.89 -0.84 -6.24
CA CYS A 252 -17.82 -1.84 -6.75
C CYS A 252 -17.57 -2.06 -8.23
N ARG A 253 -18.13 -3.12 -8.76
CA ARG A 253 -18.07 -3.45 -10.16
C ARG A 253 -19.31 -2.85 -10.80
N HIS A 254 -19.31 -2.77 -12.11
CA HIS A 254 -20.47 -2.36 -12.90
C HIS A 254 -21.59 -3.40 -12.57
N GLY A 255 -22.85 -3.05 -12.81
CA GLY A 255 -23.93 -4.02 -12.63
C GLY A 255 -23.74 -5.13 -13.66
N GLU A 256 -24.25 -6.34 -13.40
CA GLU A 256 -24.12 -7.49 -14.30
C GLU A 256 -24.32 -7.11 -15.78
N ASN A 257 -23.43 -7.57 -16.66
CA ASN A 257 -23.55 -7.27 -18.09
C ASN A 257 -23.94 -8.51 -18.94
N GLU A 258 -24.17 -8.30 -20.24
CA GLU A 258 -24.56 -9.40 -21.13
C GLU A 258 -23.48 -10.48 -21.27
N HIS A 259 -22.19 -10.07 -21.27
CA HIS A 259 -21.05 -11.00 -21.33
C HIS A 259 -20.96 -11.85 -20.07
N ASN A 260 -21.32 -11.26 -18.91
CA ASN A 260 -21.36 -11.99 -17.64
C ASN A 260 -22.33 -13.16 -17.76
N LEU A 261 -23.51 -12.92 -18.36
CA LEU A 261 -24.54 -13.95 -18.54
C LEU A 261 -24.09 -15.09 -19.45
N GLN A 262 -23.26 -14.79 -20.45
CA GLN A 262 -22.74 -15.76 -21.42
C GLN A 262 -21.42 -16.39 -20.96
N GLY A 263 -20.89 -15.94 -19.82
CA GLY A 263 -19.61 -16.38 -19.28
C GLY A 263 -18.43 -15.95 -20.13
N ARG A 264 -18.56 -14.81 -20.85
CA ARG A 264 -17.53 -14.23 -21.73
C ARG A 264 -16.68 -13.19 -21.04
N ILE A 265 -15.37 -13.20 -21.32
CA ILE A 265 -14.40 -12.25 -20.72
C ILE A 265 -14.20 -11.05 -21.62
N GLY A 266 -13.79 -9.92 -21.02
CA GLY A 266 -13.57 -8.67 -21.72
C GLY A 266 -14.80 -8.14 -22.41
N GLY A 267 -14.57 -7.51 -23.56
CA GLY A 267 -15.61 -6.91 -24.38
C GLY A 267 -16.11 -5.60 -23.80
N ASP A 268 -17.16 -5.05 -24.41
CA ASP A 268 -17.74 -3.78 -24.01
C ASP A 268 -19.27 -3.89 -24.05
N SER A 269 -19.80 -4.98 -23.48
CA SER A 269 -21.24 -5.23 -23.44
C SER A 269 -21.95 -4.32 -22.42
N GLY A 270 -23.26 -4.17 -22.59
CA GLY A 270 -24.10 -3.36 -21.71
C GLY A 270 -24.71 -4.15 -20.58
N LEU A 271 -25.33 -3.42 -19.63
CA LEU A 271 -25.99 -4.01 -18.46
C LEU A 271 -27.13 -4.92 -18.86
N SER A 272 -27.25 -6.04 -18.13
CA SER A 272 -28.36 -6.99 -18.24
C SER A 272 -29.52 -6.37 -17.43
N SER A 273 -30.71 -7.01 -17.42
CA SER A 273 -31.84 -6.49 -16.65
C SER A 273 -31.52 -6.42 -15.15
N ARG A 274 -30.79 -7.42 -14.63
CA ARG A 274 -30.35 -7.46 -13.22
C ARG A 274 -29.30 -6.35 -12.95
N GLY A 275 -28.38 -6.13 -13.91
CA GLY A 275 -27.37 -5.08 -13.82
C GLY A 275 -27.99 -3.70 -13.67
N LYS A 276 -29.08 -3.45 -14.42
CA LYS A 276 -29.86 -2.21 -14.37
C LYS A 276 -30.56 -2.07 -12.99
N LYS A 277 -30.99 -3.22 -12.42
CA LYS A 277 -31.62 -3.25 -11.10
C LYS A 277 -30.58 -2.91 -10.03
N PHE A 278 -29.33 -3.42 -10.18
CA PHE A 278 -28.23 -3.09 -9.25
C PHE A 278 -27.94 -1.60 -9.30
N ALA A 279 -27.88 -1.02 -10.52
CA ALA A 279 -27.60 0.39 -10.74
C ALA A 279 -28.59 1.27 -9.97
N SER A 280 -29.91 0.94 -10.00
CA SER A 280 -30.97 1.59 -9.22
C SER A 280 -30.73 1.37 -7.72
N ALA A 281 -30.39 0.14 -7.33
CA ALA A 281 -30.13 -0.21 -5.93
C ALA A 281 -28.92 0.58 -5.40
N LEU A 282 -27.89 0.77 -6.23
CA LEU A 282 -26.69 1.55 -5.93
C LEU A 282 -27.02 3.02 -5.69
N SER A 283 -27.91 3.59 -6.50
CA SER A 283 -28.37 4.98 -6.34
C SER A 283 -29.03 5.19 -4.96
N LYS A 284 -29.93 4.26 -4.58
CA LYS A 284 -30.60 4.28 -3.29
C LYS A 284 -29.57 4.16 -2.16
N PHE A 285 -28.62 3.21 -2.29
CA PHE A 285 -27.55 3.01 -1.32
C PHE A 285 -26.74 4.31 -1.15
N VAL A 286 -26.26 4.90 -2.26
CA VAL A 286 -25.48 6.14 -2.28
C VAL A 286 -26.23 7.28 -1.56
N GLU A 287 -27.51 7.45 -1.88
CA GLU A 287 -28.41 8.44 -1.29
C GLU A 287 -28.49 8.26 0.25
N GLU A 288 -28.67 7.00 0.70
CA GLU A 288 -28.75 6.63 2.12
C GLU A 288 -27.44 6.88 2.90
N GLN A 289 -26.30 7.01 2.21
CA GLN A 289 -25.00 7.27 2.83
C GLN A 289 -24.87 8.73 3.28
N ASN A 290 -25.73 9.63 2.73
CA ASN A 290 -25.82 11.06 3.04
C ASN A 290 -24.44 11.75 3.07
N LEU A 291 -23.68 11.62 1.97
CA LEU A 291 -22.34 12.19 1.85
C LEU A 291 -22.44 13.58 1.23
N LYS A 292 -21.91 14.61 1.95
CA LYS A 292 -21.93 16.03 1.55
C LYS A 292 -21.42 16.21 0.10
N ASP A 293 -20.28 15.59 -0.21
CA ASP A 293 -19.67 15.58 -1.53
C ASP A 293 -19.23 14.15 -1.81
N LEU A 294 -19.32 13.72 -3.07
CA LEU A 294 -18.90 12.40 -3.51
C LEU A 294 -18.41 12.47 -4.95
N ARG A 295 -17.20 11.97 -5.20
CA ARG A 295 -16.64 11.89 -6.54
C ARG A 295 -16.97 10.51 -7.04
N VAL A 296 -17.40 10.41 -8.29
CA VAL A 296 -17.76 9.11 -8.90
C VAL A 296 -16.84 8.88 -10.06
N TRP A 297 -16.15 7.73 -10.05
CA TRP A 297 -15.22 7.36 -11.11
C TRP A 297 -15.66 6.06 -11.76
N THR A 298 -15.54 6.01 -13.09
CA THR A 298 -15.89 4.84 -13.88
C THR A 298 -14.71 4.56 -14.82
N SER A 299 -14.82 3.44 -15.56
CA SER A 299 -13.90 3.09 -16.62
C SER A 299 -14.50 3.73 -17.90
N GLN A 300 -13.90 3.47 -19.06
CA GLN A 300 -14.47 3.97 -20.31
C GLN A 300 -15.35 2.91 -20.97
N LEU A 301 -15.55 1.79 -20.28
CA LEU A 301 -16.41 0.70 -20.75
C LEU A 301 -17.85 0.94 -20.34
N LYS A 302 -18.77 0.71 -21.30
CA LYS A 302 -20.22 0.95 -21.22
C LYS A 302 -20.90 0.55 -19.90
N SER A 303 -20.63 -0.68 -19.41
CA SER A 303 -21.27 -1.24 -18.23
C SER A 303 -21.08 -0.42 -16.96
N THR A 304 -19.88 0.19 -16.77
CA THR A 304 -19.61 1.03 -15.60
C THR A 304 -20.28 2.40 -15.74
N ILE A 305 -20.32 2.94 -16.98
CA ILE A 305 -20.93 4.24 -17.30
C ILE A 305 -22.46 4.17 -17.14
N GLN A 306 -23.08 3.06 -17.58
CA GLN A 306 -24.51 2.84 -17.43
C GLN A 306 -24.90 2.76 -15.95
N THR A 307 -24.03 2.13 -15.12
CA THR A 307 -24.20 2.01 -13.67
C THR A 307 -24.16 3.40 -13.03
N ALA A 308 -23.18 4.24 -13.42
CA ALA A 308 -23.02 5.63 -12.93
C ALA A 308 -24.18 6.52 -13.37
N GLU A 309 -24.70 6.29 -14.59
CA GLU A 309 -25.83 7.04 -15.14
C GLU A 309 -27.06 6.99 -14.23
N ALA A 310 -27.28 5.83 -13.55
CA ALA A 310 -28.39 5.61 -12.62
C ALA A 310 -28.29 6.45 -11.35
N LEU A 311 -27.07 6.94 -11.00
CA LEU A 311 -26.83 7.71 -9.79
C LEU A 311 -27.31 9.15 -9.85
N ARG A 312 -27.40 9.71 -11.07
CA ARG A 312 -27.74 11.12 -11.35
C ARG A 312 -26.74 12.07 -10.63
N LEU A 313 -25.47 11.68 -10.67
CA LEU A 313 -24.38 12.42 -10.09
C LEU A 313 -23.32 12.65 -11.15
N PRO A 314 -22.54 13.75 -11.10
CA PRO A 314 -21.43 13.88 -12.06
C PRO A 314 -20.40 12.75 -11.85
N TYR A 315 -19.84 12.25 -12.93
CA TYR A 315 -18.85 11.19 -12.89
C TYR A 315 -17.74 11.43 -13.89
N GLU A 316 -16.58 10.83 -13.63
CA GLU A 316 -15.40 10.97 -14.45
C GLU A 316 -15.00 9.58 -14.95
N GLN A 317 -14.77 9.44 -16.27
CA GLN A 317 -14.35 8.20 -16.90
C GLN A 317 -12.83 8.13 -16.98
N TRP A 318 -12.24 7.02 -16.51
CA TRP A 318 -10.81 6.79 -16.55
C TRP A 318 -10.53 5.60 -17.42
N LYS A 319 -9.70 5.75 -18.45
CA LYS A 319 -9.27 4.64 -19.30
C LYS A 319 -8.43 3.66 -18.44
N ALA A 320 -7.72 4.17 -17.40
CA ALA A 320 -6.93 3.34 -16.49
C ALA A 320 -7.78 2.35 -15.67
N LEU A 321 -9.10 2.59 -15.56
CA LEU A 321 -10.02 1.71 -14.85
C LEU A 321 -10.64 0.61 -15.72
N ASN A 322 -10.36 0.63 -17.04
CA ASN A 322 -10.84 -0.38 -17.99
C ASN A 322 -10.35 -1.74 -17.56
N GLU A 323 -11.18 -2.75 -17.72
CA GLU A 323 -10.83 -4.12 -17.34
C GLU A 323 -9.53 -4.59 -17.98
N ILE A 324 -8.83 -5.54 -17.33
CA ILE A 324 -7.62 -6.20 -17.86
C ILE A 324 -7.85 -6.58 -19.34
N ASP A 325 -6.88 -6.32 -20.20
CA ASP A 325 -7.01 -6.63 -21.62
C ASP A 325 -6.62 -8.10 -21.84
N ALA A 326 -7.58 -8.91 -22.33
CA ALA A 326 -7.33 -10.33 -22.57
C ALA A 326 -6.69 -10.66 -23.93
N GLY A 327 -6.31 -9.63 -24.69
CA GLY A 327 -5.68 -9.77 -26.00
C GLY A 327 -6.49 -10.59 -26.97
N VAL A 328 -5.92 -11.72 -27.44
CA VAL A 328 -6.57 -12.65 -28.39
C VAL A 328 -7.77 -13.40 -27.76
N CYS A 329 -7.80 -13.50 -26.41
CA CYS A 329 -8.84 -14.18 -25.65
C CYS A 329 -10.06 -13.29 -25.33
N GLU A 330 -10.05 -12.04 -25.77
CA GLU A 330 -11.18 -11.12 -25.56
C GLU A 330 -12.47 -11.68 -26.17
N GLU A 331 -13.61 -11.56 -25.43
CA GLU A 331 -14.98 -11.94 -25.81
C GLU A 331 -15.21 -13.46 -25.86
N LEU A 332 -14.24 -14.26 -25.39
CA LEU A 332 -14.29 -15.70 -25.35
C LEU A 332 -14.74 -16.14 -23.96
N THR A 333 -15.31 -17.35 -23.87
CA THR A 333 -15.67 -17.93 -22.59
C THR A 333 -14.40 -18.66 -22.11
N TYR A 334 -14.32 -19.03 -20.81
CA TYR A 334 -13.16 -19.75 -20.29
C TYR A 334 -13.04 -21.15 -20.90
N GLU A 335 -14.20 -21.77 -21.28
CA GLU A 335 -14.25 -23.07 -21.94
C GLU A 335 -13.62 -22.97 -23.33
N GLU A 336 -13.97 -21.89 -24.09
CA GLU A 336 -13.40 -21.62 -25.41
C GLU A 336 -11.91 -21.31 -25.33
N ILE A 337 -11.44 -20.72 -24.20
CA ILE A 337 -10.02 -20.41 -24.00
C ILE A 337 -9.28 -21.73 -23.80
N ARG A 338 -9.78 -22.60 -22.91
CA ARG A 338 -9.19 -23.92 -22.64
C ARG A 338 -9.13 -24.81 -23.90
N ASP A 339 -10.14 -24.71 -24.78
CA ASP A 339 -10.18 -25.55 -25.98
C ASP A 339 -9.35 -25.01 -27.14
N THR A 340 -9.32 -23.69 -27.35
CA THR A 340 -8.56 -23.05 -28.43
C THR A 340 -7.10 -22.80 -28.03
N TYR A 341 -6.87 -22.37 -26.77
CA TYR A 341 -5.54 -22.05 -26.24
C TYR A 341 -5.27 -22.86 -24.93
N PRO A 342 -5.11 -24.20 -24.99
CA PRO A 342 -4.89 -24.97 -23.73
C PRO A 342 -3.59 -24.66 -23.00
N GLU A 343 -2.51 -24.37 -23.75
CA GLU A 343 -1.19 -24.03 -23.19
C GLU A 343 -1.31 -22.71 -22.41
N GLU A 344 -1.95 -21.69 -23.03
CA GLU A 344 -2.19 -20.38 -22.45
C GLU A 344 -3.02 -20.47 -21.17
N TYR A 345 -4.10 -21.29 -21.20
CA TYR A 345 -5.02 -21.52 -20.08
C TYR A 345 -4.25 -22.07 -18.87
N ALA A 346 -3.46 -23.13 -19.07
CA ALA A 346 -2.67 -23.77 -18.02
C ALA A 346 -1.58 -22.84 -17.45
N LEU A 347 -0.88 -22.06 -18.33
CA LEU A 347 0.15 -21.09 -17.94
C LEU A 347 -0.40 -20.03 -16.96
N ARG A 348 -1.61 -19.52 -17.26
CA ARG A 348 -2.31 -18.51 -16.46
C ARG A 348 -2.69 -19.08 -15.08
N GLU A 349 -3.25 -20.31 -15.06
CA GLU A 349 -3.65 -21.02 -13.83
C GLU A 349 -2.46 -21.22 -12.89
N GLN A 350 -1.26 -21.45 -13.48
CA GLN A 350 -0.02 -21.65 -12.74
C GLN A 350 0.60 -20.36 -12.23
N ASP A 351 0.47 -19.25 -12.99
CA ASP A 351 1.10 -17.98 -12.63
C ASP A 351 0.17 -16.80 -12.96
N LYS A 352 -0.98 -16.72 -12.26
CA LYS A 352 -2.04 -15.74 -12.53
C LYS A 352 -1.61 -14.26 -12.43
N TYR A 353 -0.68 -13.90 -11.54
CA TYR A 353 -0.26 -12.52 -11.42
C TYR A 353 0.63 -12.03 -12.58
N TYR A 354 1.65 -12.83 -12.94
CA TYR A 354 2.64 -12.48 -13.95
C TYR A 354 2.25 -12.83 -15.37
N TYR A 355 1.32 -13.79 -15.52
CA TYR A 355 0.85 -14.23 -16.83
C TYR A 355 0.32 -13.06 -17.65
N ARG A 356 0.80 -12.93 -18.88
CA ARG A 356 0.30 -11.91 -19.79
C ARG A 356 -0.48 -12.62 -20.91
N TYR A 357 -1.71 -12.16 -21.20
CA TYR A 357 -2.50 -12.69 -22.32
C TYR A 357 -1.81 -12.29 -23.64
N PRO A 358 -1.83 -13.12 -24.72
CA PRO A 358 -1.16 -12.70 -25.98
C PRO A 358 -1.79 -11.44 -26.57
N THR A 359 -0.96 -10.38 -26.74
CA THR A 359 -1.35 -9.03 -27.19
C THR A 359 -2.20 -8.33 -26.11
N GLY A 360 -2.18 -8.90 -24.91
CA GLY A 360 -2.93 -8.43 -23.76
C GLY A 360 -2.11 -8.10 -22.53
N GLU A 361 -2.75 -8.15 -21.37
CA GLU A 361 -2.15 -7.74 -20.11
C GLU A 361 -2.07 -8.84 -19.07
N SER A 362 -1.30 -8.52 -18.01
CA SER A 362 -1.14 -9.27 -16.77
C SER A 362 -1.67 -8.38 -15.63
N TYR A 363 -1.88 -8.96 -14.42
CA TYR A 363 -2.24 -8.23 -13.21
C TYR A 363 -1.11 -7.26 -12.88
N GLN A 364 0.14 -7.66 -13.20
CA GLN A 364 1.34 -6.83 -13.06
C GLN A 364 1.21 -5.56 -13.89
N ASP A 365 0.70 -5.64 -15.14
CA ASP A 365 0.45 -4.48 -16.01
C ASP A 365 -0.64 -3.60 -15.43
N LEU A 366 -1.69 -4.23 -14.86
CA LEU A 366 -2.80 -3.51 -14.22
C LEU A 366 -2.32 -2.56 -13.13
N VAL A 367 -1.43 -3.03 -12.21
CA VAL A 367 -0.80 -2.27 -11.12
C VAL A 367 -0.16 -1.02 -11.68
N GLN A 368 0.65 -1.16 -12.74
CA GLN A 368 1.34 -0.04 -13.38
C GLN A 368 0.35 1.01 -13.90
N ARG A 369 -0.76 0.56 -14.50
CA ARG A 369 -1.84 1.39 -15.07
C ARG A 369 -2.63 2.08 -13.96
N LEU A 370 -2.86 1.35 -12.85
CA LEU A 370 -3.67 1.85 -11.74
C LEU A 370 -2.93 2.76 -10.76
N GLU A 371 -1.59 2.84 -10.84
CA GLU A 371 -0.83 3.70 -9.93
C GLU A 371 -1.36 5.16 -9.92
N PRO A 372 -1.58 5.84 -11.09
CA PRO A 372 -2.18 7.20 -11.05
C PRO A 372 -3.56 7.23 -10.38
N VAL A 373 -4.34 6.13 -10.49
CA VAL A 373 -5.68 6.02 -9.87
C VAL A 373 -5.52 6.05 -8.34
N ILE A 374 -4.55 5.26 -7.83
CA ILE A 374 -4.22 5.15 -6.40
C ILE A 374 -3.77 6.51 -5.85
N MET A 375 -2.90 7.22 -6.59
CA MET A 375 -2.39 8.53 -6.22
C MET A 375 -3.53 9.54 -6.11
N GLU A 376 -4.49 9.49 -7.06
CA GLU A 376 -5.63 10.38 -7.03
C GLU A 376 -6.62 9.98 -5.92
N LEU A 377 -6.77 8.67 -5.66
CA LEU A 377 -7.65 8.17 -4.58
C LEU A 377 -7.15 8.67 -3.25
N GLU A 378 -5.83 8.74 -3.08
CA GLU A 378 -5.17 9.27 -1.91
C GLU A 378 -5.47 10.76 -1.68
N ARG A 379 -5.41 11.59 -2.74
N ARG A 379 -5.41 11.57 -2.75
CA ARG A 379 -5.69 13.02 -2.72
CA ARG A 379 -5.68 13.01 -2.79
C ARG A 379 -7.13 13.36 -2.33
C ARG A 379 -7.12 13.38 -2.40
N GLN A 380 -8.08 12.56 -2.82
CA GLN A 380 -9.52 12.75 -2.66
C GLN A 380 -10.05 12.42 -1.29
N GLU A 381 -11.33 12.67 -1.09
CA GLU A 381 -12.03 12.35 0.14
C GLU A 381 -13.02 11.21 -0.15
N ASN A 382 -14.32 11.51 -0.26
CA ASN A 382 -15.35 10.50 -0.56
C ASN A 382 -15.34 10.19 -2.03
N VAL A 383 -15.06 8.93 -2.40
CA VAL A 383 -14.99 8.49 -3.80
C VAL A 383 -15.70 7.16 -3.97
N LEU A 384 -16.46 7.05 -5.06
CA LEU A 384 -17.12 5.82 -5.48
C LEU A 384 -16.47 5.44 -6.80
N VAL A 385 -15.85 4.24 -6.84
CA VAL A 385 -15.17 3.72 -8.02
C VAL A 385 -16.00 2.55 -8.51
N ILE A 386 -16.59 2.70 -9.71
CA ILE A 386 -17.37 1.67 -10.41
C ILE A 386 -16.41 1.07 -11.46
N CYS A 387 -15.94 -0.17 -11.21
CA CYS A 387 -15.00 -0.74 -12.14
C CYS A 387 -15.27 -2.21 -12.52
N HIS A 388 -14.22 -3.03 -12.62
CA HIS A 388 -14.25 -4.42 -13.12
C HIS A 388 -13.49 -5.34 -12.19
N GLN A 389 -13.76 -6.63 -12.27
CA GLN A 389 -13.23 -7.66 -11.38
C GLN A 389 -11.73 -7.60 -11.14
N ALA A 390 -10.90 -7.65 -12.20
CA ALA A 390 -9.43 -7.63 -12.05
C ALA A 390 -8.90 -6.31 -11.54
N VAL A 391 -9.48 -5.19 -12.00
CA VAL A 391 -9.16 -3.82 -11.57
C VAL A 391 -9.44 -3.68 -10.07
N LEU A 392 -10.63 -4.14 -9.64
CA LEU A 392 -11.07 -4.10 -8.25
C LEU A 392 -10.16 -4.92 -7.34
N ARG A 393 -9.78 -6.15 -7.75
CA ARG A 393 -8.82 -6.98 -7.00
C ARG A 393 -7.51 -6.22 -6.79
N CYS A 394 -6.98 -5.55 -7.83
N CYS A 394 -7.00 -5.58 -7.84
CA CYS A 394 -5.74 -4.76 -7.76
CA CYS A 394 -5.77 -4.80 -7.85
C CYS A 394 -5.83 -3.61 -6.78
C CYS A 394 -5.81 -3.59 -6.89
N LEU A 395 -6.92 -2.83 -6.86
CA LEU A 395 -7.14 -1.67 -5.96
C LEU A 395 -7.29 -2.15 -4.53
N LEU A 396 -8.10 -3.23 -4.33
CA LEU A 396 -8.34 -3.84 -3.02
C LEU A 396 -7.05 -4.38 -2.41
N ALA A 397 -6.16 -4.98 -3.23
CA ALA A 397 -4.86 -5.44 -2.76
C ALA A 397 -4.02 -4.29 -2.24
N TYR A 398 -4.16 -3.10 -2.83
CA TYR A 398 -3.45 -1.93 -2.33
C TYR A 398 -3.99 -1.51 -0.96
N PHE A 399 -5.31 -1.33 -0.84
CA PHE A 399 -5.94 -0.90 0.41
C PHE A 399 -5.85 -1.91 1.54
N LEU A 400 -5.93 -3.22 1.22
CA LEU A 400 -5.89 -4.33 2.17
C LEU A 400 -4.53 -4.96 2.35
N ASP A 401 -3.47 -4.35 1.75
CA ASP A 401 -2.08 -4.84 1.84
C ASP A 401 -1.96 -6.34 1.47
N LYS A 402 -2.53 -6.74 0.31
CA LYS A 402 -2.47 -8.11 -0.19
C LYS A 402 -1.31 -8.25 -1.15
N SER A 403 -0.66 -9.40 -1.13
CA SER A 403 0.48 -9.69 -1.98
C SER A 403 0.08 -9.91 -3.43
N ALA A 404 1.07 -9.87 -4.34
CA ALA A 404 0.93 -10.12 -5.77
C ALA A 404 0.32 -11.52 -6.01
N GLU A 405 0.75 -12.52 -5.21
CA GLU A 405 0.25 -13.89 -5.25
C GLU A 405 -1.23 -14.00 -4.86
N GLU A 406 -1.68 -13.26 -3.83
CA GLU A 406 -3.10 -13.33 -3.44
C GLU A 406 -4.01 -12.49 -4.33
N MET A 407 -3.54 -11.33 -4.82
CA MET A 407 -4.28 -10.38 -5.65
C MET A 407 -5.20 -10.99 -6.74
N PRO A 408 -4.76 -11.90 -7.65
CA PRO A 408 -5.70 -12.41 -8.68
C PRO A 408 -6.85 -13.28 -8.17
N TYR A 409 -6.86 -13.60 -6.86
CA TYR A 409 -7.86 -14.48 -6.26
C TYR A 409 -8.77 -13.80 -5.24
N LEU A 410 -8.62 -12.48 -5.03
CA LEU A 410 -9.46 -11.76 -4.08
C LEU A 410 -10.93 -11.81 -4.55
N LYS A 411 -11.85 -12.04 -3.61
CA LYS A 411 -13.29 -12.12 -3.89
C LYS A 411 -13.88 -10.73 -4.01
N CYS A 412 -14.38 -10.42 -5.22
CA CYS A 412 -14.99 -9.13 -5.58
C CYS A 412 -16.30 -9.44 -6.29
N PRO A 413 -17.34 -9.89 -5.54
CA PRO A 413 -18.60 -10.27 -6.23
C PRO A 413 -19.34 -9.10 -6.86
N LEU A 414 -20.19 -9.42 -7.85
CA LEU A 414 -21.05 -8.46 -8.53
C LEU A 414 -22.13 -8.00 -7.54
N HIS A 415 -22.65 -6.79 -7.73
CA HIS A 415 -23.76 -6.20 -6.99
C HIS A 415 -23.48 -6.03 -5.49
N THR A 416 -22.20 -5.83 -5.17
CA THR A 416 -21.66 -5.71 -3.81
C THR A 416 -20.72 -4.52 -3.71
N VAL A 417 -20.98 -3.62 -2.77
CA VAL A 417 -20.16 -2.43 -2.49
C VAL A 417 -19.16 -2.76 -1.39
N LEU A 418 -17.89 -2.42 -1.62
CA LEU A 418 -16.85 -2.58 -0.63
C LEU A 418 -16.59 -1.18 -0.07
N LYS A 419 -16.99 -0.96 1.19
CA LYS A 419 -16.89 0.32 1.89
C LYS A 419 -15.61 0.33 2.70
N LEU A 420 -14.67 1.22 2.33
CA LEU A 420 -13.36 1.31 2.96
C LEU A 420 -13.24 2.53 3.83
N THR A 421 -12.92 2.31 5.12
CA THR A 421 -12.79 3.40 6.08
C THR A 421 -11.37 3.40 6.68
N PRO A 422 -10.56 4.43 6.37
CA PRO A 422 -9.19 4.45 6.90
C PRO A 422 -9.21 4.73 8.42
N VAL A 423 -8.65 3.80 9.22
CA VAL A 423 -8.64 3.92 10.69
C VAL A 423 -7.48 3.14 11.30
N ALA A 424 -6.74 3.79 12.24
CA ALA A 424 -5.62 3.24 13.04
C ALA A 424 -4.66 2.29 12.28
N TYR A 425 -3.81 2.79 11.35
CA TYR A 425 -2.82 2.08 10.50
C TYR A 425 -3.44 1.43 9.24
N GLY A 426 -4.57 0.74 9.40
CA GLY A 426 -5.23 0.07 8.29
C GLY A 426 -6.48 0.70 7.67
N CYS A 427 -7.26 -0.17 7.03
CA CYS A 427 -8.53 0.12 6.39
C CYS A 427 -9.53 -0.84 6.98
N ARG A 428 -10.65 -0.31 7.46
CA ARG A 428 -11.77 -1.13 7.90
C ARG A 428 -12.53 -1.40 6.60
N VAL A 429 -12.83 -2.67 6.32
CA VAL A 429 -13.58 -3.05 5.12
C VAL A 429 -14.95 -3.60 5.52
N GLU A 430 -16.02 -2.99 4.99
CA GLU A 430 -17.40 -3.39 5.19
C GLU A 430 -17.89 -3.79 3.80
N SER A 431 -18.60 -4.89 3.71
CA SER A 431 -19.17 -5.35 2.46
C SER A 431 -20.68 -5.09 2.52
N ILE A 432 -21.27 -4.54 1.44
CA ILE A 432 -22.70 -4.27 1.37
C ILE A 432 -23.28 -4.84 0.07
N TYR A 433 -23.94 -6.01 0.17
CA TYR A 433 -24.59 -6.65 -0.96
C TYR A 433 -25.93 -5.94 -1.18
N LEU A 434 -26.20 -5.49 -2.42
CA LEU A 434 -27.39 -4.68 -2.69
C LEU A 434 -28.65 -5.48 -3.11
N ASN A 435 -28.68 -6.77 -2.71
CA ASN A 435 -29.81 -7.67 -2.84
C ASN A 435 -30.38 -7.81 -4.27
N VAL A 436 -29.49 -7.88 -5.26
CA VAL A 436 -29.84 -8.09 -6.66
C VAL A 436 -29.02 -9.27 -7.13
N GLU A 437 -29.70 -10.31 -7.63
CA GLU A 437 -29.08 -11.53 -8.16
C GLU A 437 -28.21 -11.23 -9.37
N SER A 438 -27.17 -12.05 -9.55
CA SER A 438 -26.24 -12.00 -10.66
C SER A 438 -25.57 -13.37 -10.77
N VAL A 439 -24.80 -13.56 -11.85
CA VAL A 439 -23.99 -14.76 -12.03
C VAL A 439 -22.75 -14.58 -11.10
N CYS A 440 -21.97 -15.64 -10.91
CA CYS A 440 -20.73 -15.59 -10.14
C CYS A 440 -19.59 -15.67 -11.14
N THR A 441 -18.64 -14.72 -11.06
CA THR A 441 -17.50 -14.70 -11.99
C THR A 441 -16.19 -15.08 -11.28
N HIS A 442 -16.27 -15.42 -9.98
CA HIS A 442 -15.11 -15.82 -9.21
C HIS A 442 -14.67 -17.25 -9.56
N ARG A 443 -13.36 -17.42 -9.75
CA ARG A 443 -12.72 -18.71 -10.07
C ARG A 443 -11.52 -18.88 -9.15
N GLU A 444 -11.56 -19.89 -8.27
CA GLU A 444 -10.50 -20.22 -7.32
C GLU A 444 -9.32 -20.87 -8.04
N ARG A 445 -8.15 -20.93 -7.36
CA ARG A 445 -6.94 -21.56 -7.92
C ARG A 445 -7.07 -23.10 -8.00
N SER A 446 -6.24 -23.75 -8.85
CA SER A 446 -6.22 -25.20 -9.02
C SER A 446 -4.83 -25.77 -8.73
#